data_1TYS
#
_entry.id   1TYS
#
_cell.length_a   71.970
_cell.length_b   71.970
_cell.length_c   115.040
_cell.angle_alpha   90.00
_cell.angle_beta   90.00
_cell.angle_gamma   120.00
#
_symmetry.space_group_name_H-M   'P 31 2 1'
#
loop_
_entity.id
_entity.type
_entity.pdbx_description
1 polymer 'THYMIDYLATE SYNTHASE'
2 non-polymer "THYMIDINE-5'-PHOSPHATE"
3 non-polymer 'DIHYDROFOLIC ACID'
4 water water
#
_entity_poly.entity_id   1
_entity_poly.type   'polypeptide(L)'
_entity_poly.pdbx_seq_one_letter_code
;(CXM)KQYLELMQKVLDEGTQKNDRTGTGTLSIFGHQMRFNLQDGFPLVTTKRCHLRSIIHELLWFLQGDTNIAYLHENN
VTIWDEWADENGDLGPVYGKQWRAWPTPDGRHIDQITTVLNQLKNDPDSRRIIVSAWNVGELDKMALAPSHAFFQFYVAD
GKLSCQLYQRSCDVFLGLPFNIASYALLVHMMAQQCDLEVGDFVWTGGDTHLYSNHMDQTHLQLSREPRPLPKLIIKRKP
ESIFDYRFEDFEIEGYDPHPGIKAPVAI
;
_entity_poly.pdbx_strand_id   A
#
loop_
_chem_comp.id
_chem_comp.type
_chem_comp.name
_chem_comp.formula
DHF non-polymer 'DIHYDROFOLIC ACID' 'C19 H21 N7 O6'
TMP non-polymer THYMIDINE-5'-PHOSPHATE 'C10 H15 N2 O8 P'
#
# COMPACT_ATOMS: atom_id res chain seq x y z
N CXM A 1 -6.32 -2.01 -14.33
CA CXM A 1 -6.91 -3.31 -14.03
CB CXM A 1 -6.47 -3.85 -12.67
CG CXM A 1 -4.99 -4.04 -12.46
SD CXM A 1 -4.63 -4.63 -10.79
CE CXM A 1 -4.47 -3.08 -9.95
C CXM A 1 -8.42 -3.15 -13.97
O CXM A 1 -8.92 -2.10 -13.55
CN CXM A 1 -5.33 -1.87 -15.21
ON1 CXM A 1 -4.54 -2.77 -15.46
ON2 CXM A 1 -4.93 -0.72 -15.15
N LYS A 2 -9.13 -4.23 -14.29
CA LYS A 2 -10.58 -4.26 -14.32
C LYS A 2 -11.21 -3.74 -13.03
N GLN A 3 -10.81 -4.27 -11.90
CA GLN A 3 -11.39 -3.87 -10.63
C GLN A 3 -11.14 -2.39 -10.37
N TYR A 4 -9.94 -1.91 -10.71
CA TYR A 4 -9.54 -0.54 -10.44
C TYR A 4 -10.31 0.46 -11.31
N LEU A 5 -10.49 0.18 -12.61
CA LEU A 5 -11.20 1.06 -13.48
C LEU A 5 -12.68 1.03 -13.12
N GLU A 6 -13.23 -0.10 -12.65
CA GLU A 6 -14.60 -0.15 -12.17
C GLU A 6 -14.80 0.76 -10.96
N LEU A 7 -13.85 0.79 -10.03
CA LEU A 7 -13.91 1.72 -8.92
C LEU A 7 -13.82 3.16 -9.40
N MET A 8 -12.92 3.57 -10.30
N MET A 8 -12.92 3.55 -10.32
CA MET A 8 -12.87 4.97 -10.76
CA MET A 8 -12.84 4.94 -10.80
C MET A 8 -14.19 5.42 -11.40
C MET A 8 -14.19 5.41 -11.38
N GLN A 9 -14.80 4.55 -12.21
CA GLN A 9 -16.09 4.84 -12.80
C GLN A 9 -17.17 4.99 -11.73
N LYS A 10 -17.20 4.12 -10.72
CA LYS A 10 -18.14 4.16 -9.61
C LYS A 10 -18.02 5.46 -8.86
N VAL A 11 -16.81 5.96 -8.61
CA VAL A 11 -16.64 7.23 -7.92
C VAL A 11 -17.20 8.34 -8.81
N LEU A 12 -16.95 8.32 -10.13
CA LEU A 12 -17.49 9.32 -11.04
C LEU A 12 -19.01 9.25 -11.06
N ASP A 13 -19.61 8.08 -11.08
CA ASP A 13 -21.06 8.00 -11.15
C ASP A 13 -21.76 8.19 -9.83
N GLU A 14 -21.15 7.82 -8.71
CA GLU A 14 -21.82 7.85 -7.44
C GLU A 14 -21.24 8.76 -6.41
N GLY A 15 -20.11 9.40 -6.67
CA GLY A 15 -19.44 10.20 -5.67
C GLY A 15 -20.16 11.50 -5.38
N THR A 16 -20.09 11.90 -4.12
CA THR A 16 -20.61 13.16 -3.61
C THR A 16 -19.45 14.12 -3.62
N GLN A 17 -19.74 15.35 -4.06
CA GLN A 17 -18.74 16.40 -4.04
C GLN A 17 -18.53 16.71 -2.58
N LYS A 18 -17.30 16.80 -2.11
CA LYS A 18 -17.03 16.91 -0.70
C LYS A 18 -15.83 17.81 -0.57
N ASN A 19 -15.81 18.66 0.45
CA ASN A 19 -14.63 19.46 0.70
C ASN A 19 -13.66 18.56 1.43
N ASP A 20 -12.39 18.96 1.47
CA ASP A 20 -11.44 18.15 2.16
C ASP A 20 -10.39 19.07 2.77
N ARG A 21 -9.59 18.43 3.62
CA ARG A 21 -8.45 19.01 4.33
C ARG A 21 -7.52 19.86 3.48
N THR A 22 -7.20 19.42 2.25
CA THR A 22 -6.24 20.11 1.41
C THR A 22 -6.88 21.30 0.69
N GLY A 23 -8.20 21.40 0.70
CA GLY A 23 -8.88 22.49 0.00
C GLY A 23 -9.07 22.23 -1.48
N THR A 24 -8.76 21.03 -1.97
CA THR A 24 -8.91 20.73 -3.38
C THR A 24 -10.31 20.37 -3.81
N GLY A 25 -11.07 19.72 -2.92
CA GLY A 25 -12.37 19.20 -3.27
C GLY A 25 -12.26 17.81 -3.87
N THR A 26 -13.22 16.93 -3.57
CA THR A 26 -13.20 15.56 -4.05
C THR A 26 -14.59 15.11 -4.46
N LEU A 27 -14.64 14.05 -5.26
CA LEU A 27 -15.84 13.26 -5.46
C LEU A 27 -15.54 12.03 -4.59
N SER A 28 -16.49 11.67 -3.71
CA SER A 28 -16.21 10.71 -2.67
C SER A 28 -17.29 9.70 -2.45
N ILE A 29 -16.89 8.45 -2.18
CA ILE A 29 -17.84 7.44 -1.79
C ILE A 29 -17.28 6.90 -0.48
N PHE A 30 -18.08 6.18 0.29
CA PHE A 30 -17.63 5.65 1.54
C PHE A 30 -17.89 4.16 1.55
N GLY A 31 -16.86 3.33 1.73
CA GLY A 31 -17.06 1.91 1.84
C GLY A 31 -17.02 1.21 0.50
N HIS A 32 -15.92 0.53 0.20
CA HIS A 32 -15.79 -0.21 -1.05
C HIS A 32 -14.87 -1.38 -0.76
N GLN A 33 -15.02 -2.49 -1.46
CA GLN A 33 -14.15 -3.63 -1.25
C GLN A 33 -13.85 -4.27 -2.58
N MET A 34 -12.59 -4.65 -2.82
CA MET A 34 -12.26 -5.39 -4.01
C MET A 34 -11.22 -6.44 -3.66
N ARG A 35 -11.14 -7.50 -4.45
CA ARG A 35 -10.32 -8.64 -4.12
C ARG A 35 -9.45 -8.97 -5.34
N PHE A 36 -8.19 -9.30 -5.09
CA PHE A 36 -7.23 -9.62 -6.14
C PHE A 36 -6.69 -11.00 -5.79
N ASN A 37 -6.94 -11.97 -6.65
CA ASN A 37 -6.36 -13.29 -6.47
C ASN A 37 -4.94 -13.15 -6.98
N LEU A 38 -3.96 -13.27 -6.10
CA LEU A 38 -2.59 -13.05 -6.48
C LEU A 38 -1.98 -14.11 -7.38
N GLN A 39 -2.64 -15.27 -7.44
CA GLN A 39 -2.30 -16.34 -8.35
C GLN A 39 -2.58 -15.89 -9.77
N ASP A 40 -3.48 -14.93 -10.01
CA ASP A 40 -3.78 -14.53 -11.35
C ASP A 40 -2.76 -13.58 -11.93
N GLY A 41 -1.88 -13.00 -11.14
CA GLY A 41 -0.92 -12.06 -11.66
C GLY A 41 -0.69 -11.00 -10.60
N PHE A 42 0.41 -10.27 -10.75
CA PHE A 42 0.76 -9.24 -9.79
C PHE A 42 -0.10 -8.00 -10.12
N PRO A 43 -0.91 -7.46 -9.18
CA PRO A 43 -1.88 -6.39 -9.44
C PRO A 43 -1.24 -5.00 -9.53
N LEU A 44 -0.48 -4.77 -10.60
CA LEU A 44 0.15 -3.51 -10.85
C LEU A 44 -0.66 -2.91 -12.01
N VAL A 45 -1.20 -1.67 -11.83
CA VAL A 45 -1.98 -0.98 -12.86
C VAL A 45 -1.24 -0.91 -14.20
N THR A 46 -1.93 -1.29 -15.27
CA THR A 46 -1.33 -1.26 -16.60
C THR A 46 -1.87 -0.12 -17.44
N THR A 47 -3.01 0.50 -17.08
CA THR A 47 -3.53 1.57 -17.89
C THR A 47 -2.78 2.88 -17.69
N LYS A 48 -1.78 2.93 -16.80
CA LYS A 48 -0.80 4.00 -16.77
C LYS A 48 0.46 3.36 -16.19
N ARG A 49 1.64 3.85 -16.57
CA ARG A 49 2.89 3.34 -16.06
C ARG A 49 3.09 3.79 -14.62
N CYS A 50 3.30 2.80 -13.75
CA CYS A 50 3.59 3.03 -12.34
C CYS A 50 5.09 2.96 -12.09
N HIS A 51 5.62 3.84 -11.24
CA HIS A 51 7.04 3.88 -10.92
C HIS A 51 7.37 2.83 -9.87
N LEU A 52 7.76 1.61 -10.30
CA LEU A 52 8.08 0.52 -9.40
C LEU A 52 9.16 0.85 -8.40
N ARG A 53 10.16 1.62 -8.82
CA ARG A 53 11.24 1.99 -7.93
C ARG A 53 10.73 2.62 -6.61
N SER A 54 9.73 3.53 -6.71
CA SER A 54 9.16 4.19 -5.53
C SER A 54 8.35 3.22 -4.71
N ILE A 55 7.57 2.35 -5.33
CA ILE A 55 6.76 1.38 -4.61
C ILE A 55 7.63 0.42 -3.81
N ILE A 56 8.68 -0.15 -4.43
CA ILE A 56 9.46 -1.15 -3.72
C ILE A 56 10.26 -0.53 -2.60
N HIS A 57 10.97 0.57 -2.85
CA HIS A 57 11.75 1.22 -1.81
C HIS A 57 10.90 1.74 -0.67
N GLU A 58 9.70 2.26 -0.91
CA GLU A 58 8.83 2.68 0.20
C GLU A 58 8.51 1.48 1.08
N LEU A 59 8.21 0.28 0.52
CA LEU A 59 7.94 -0.86 1.37
C LEU A 59 9.17 -1.31 2.16
N LEU A 60 10.38 -1.33 1.55
CA LEU A 60 11.60 -1.72 2.26
C LEU A 60 11.91 -0.73 3.38
N TRP A 61 11.63 0.55 3.17
CA TRP A 61 11.80 1.58 4.17
C TRP A 61 10.85 1.32 5.36
N PHE A 62 9.57 1.00 5.10
CA PHE A 62 8.63 0.68 6.17
C PHE A 62 9.14 -0.49 6.99
N LEU A 63 9.62 -1.55 6.33
CA LEU A 63 10.08 -2.73 7.05
C LEU A 63 11.31 -2.47 7.87
N GLN A 64 12.11 -1.46 7.53
CA GLN A 64 13.26 -1.09 8.36
C GLN A 64 12.83 -0.36 9.64
N GLY A 65 11.58 0.10 9.74
CA GLY A 65 11.13 0.88 10.89
C GLY A 65 11.55 2.32 10.79
N ASP A 66 11.86 2.77 9.58
CA ASP A 66 12.43 4.07 9.35
C ASP A 66 11.32 5.07 9.07
N THR A 67 11.46 6.29 9.59
CA THR A 67 10.48 7.35 9.31
C THR A 67 11.14 8.65 8.82
N ASN A 68 12.45 8.58 8.56
CA ASN A 68 13.16 9.73 8.06
C ASN A 68 13.35 9.42 6.57
N ILE A 69 13.23 10.43 5.70
CA ILE A 69 13.22 10.19 4.27
C ILE A 69 14.61 10.07 3.66
N ALA A 70 15.70 10.15 4.45
CA ALA A 70 17.06 10.04 3.91
C ALA A 70 17.27 8.77 3.10
N TYR A 71 16.80 7.60 3.54
CA TYR A 71 16.91 6.35 2.81
C TYR A 71 16.26 6.49 1.45
N LEU A 72 15.07 7.10 1.39
CA LEU A 72 14.35 7.32 0.15
C LEU A 72 15.15 8.22 -0.78
N HIS A 73 15.72 9.27 -0.22
CA HIS A 73 16.56 10.16 -1.01
C HIS A 73 17.79 9.48 -1.56
N GLU A 74 18.44 8.62 -0.76
CA GLU A 74 19.59 7.87 -1.21
C GLU A 74 19.19 7.03 -2.42
N ASN A 75 17.95 6.60 -2.47
CA ASN A 75 17.50 5.82 -3.58
C ASN A 75 16.68 6.56 -4.58
N ASN A 76 16.78 7.87 -4.63
CA ASN A 76 16.08 8.72 -5.59
C ASN A 76 14.56 8.59 -5.61
N VAL A 77 13.95 8.50 -4.43
CA VAL A 77 12.51 8.39 -4.30
C VAL A 77 12.11 9.66 -3.53
N THR A 78 11.22 10.45 -4.12
CA THR A 78 10.84 11.74 -3.58
C THR A 78 9.39 11.88 -3.13
N ILE A 79 8.66 10.76 -3.12
CA ILE A 79 7.24 10.76 -2.85
C ILE A 79 6.78 11.25 -1.47
N TRP A 80 7.66 11.29 -0.46
CA TRP A 80 7.32 11.74 0.88
C TRP A 80 7.90 13.12 1.23
N ASP A 81 8.57 13.76 0.28
CA ASP A 81 9.21 15.05 0.52
C ASP A 81 8.35 16.17 1.05
N GLU A 82 7.13 16.28 0.56
CA GLU A 82 6.29 17.40 0.92
C GLU A 82 5.83 17.37 2.35
N TRP A 83 5.92 16.25 3.05
CA TRP A 83 5.40 16.18 4.39
C TRP A 83 6.52 16.15 5.40
N ALA A 84 7.77 16.00 4.98
CA ALA A 84 8.85 15.86 5.94
C ALA A 84 9.28 17.20 6.51
N ASP A 85 9.80 17.25 7.73
CA ASP A 85 10.25 18.52 8.28
C ASP A 85 11.64 18.83 7.79
N GLU A 86 12.23 19.92 8.29
CA GLU A 86 13.59 20.35 7.98
C GLU A 86 14.64 19.25 8.14
N ASN A 87 14.51 18.37 9.13
CA ASN A 87 15.46 17.29 9.29
C ASN A 87 15.08 16.06 8.50
N GLY A 88 14.08 16.13 7.62
CA GLY A 88 13.62 14.99 6.85
C GLY A 88 12.75 14.01 7.62
N ASP A 89 12.28 14.39 8.80
CA ASP A 89 11.48 13.50 9.62
C ASP A 89 10.00 13.60 9.37
N LEU A 90 9.33 12.47 9.53
CA LEU A 90 7.88 12.42 9.35
C LEU A 90 7.12 12.16 10.63
N GLY A 91 7.88 11.94 11.68
CA GLY A 91 7.29 11.58 12.95
C GLY A 91 7.00 10.07 12.95
N PRO A 92 6.37 9.51 13.99
CA PRO A 92 6.27 8.05 14.19
C PRO A 92 5.20 7.41 13.30
N VAL A 93 5.37 7.54 11.99
CA VAL A 93 4.41 7.01 11.05
C VAL A 93 4.67 5.51 10.82
N TYR A 94 4.09 4.94 9.76
CA TYR A 94 4.08 3.51 9.43
C TYR A 94 5.21 2.66 9.95
N GLY A 95 6.45 2.94 9.54
CA GLY A 95 7.59 2.08 9.88
C GLY A 95 7.80 1.93 11.36
N LYS A 96 7.70 3.06 12.08
CA LYS A 96 7.87 3.05 13.52
C LYS A 96 6.78 2.24 14.22
N GLN A 97 5.50 2.34 13.83
CA GLN A 97 4.46 1.58 14.49
C GLN A 97 4.59 0.11 14.14
N TRP A 98 4.99 -0.20 12.90
CA TRP A 98 5.14 -1.58 12.48
C TRP A 98 6.23 -2.29 13.26
N ARG A 99 7.34 -1.60 13.49
CA ARG A 99 8.51 -2.24 14.07
C ARG A 99 8.77 -1.96 15.54
N ALA A 100 8.17 -0.90 16.08
CA ALA A 100 8.47 -0.46 17.43
C ALA A 100 7.31 0.32 18.07
N TRP A 101 6.11 -0.25 18.10
CA TRP A 101 4.95 0.35 18.75
C TRP A 101 5.31 0.54 20.23
N PRO A 102 5.32 1.77 20.77
CA PRO A 102 5.61 2.03 22.18
C PRO A 102 4.43 1.71 23.10
N THR A 103 4.72 0.97 24.15
CA THR A 103 3.68 0.56 25.08
C THR A 103 3.59 1.62 26.17
N PRO A 104 2.48 1.67 26.96
CA PRO A 104 2.35 2.58 28.07
C PRO A 104 3.50 2.35 29.06
N ASP A 105 3.91 1.10 29.31
CA ASP A 105 4.98 0.82 30.25
C ASP A 105 6.39 0.88 29.64
N GLY A 106 6.60 1.58 28.53
CA GLY A 106 7.94 1.74 27.98
C GLY A 106 8.48 0.65 27.06
N ARG A 107 7.88 -0.54 26.89
CA ARG A 107 8.38 -1.54 25.95
C ARG A 107 8.10 -1.12 24.51
N HIS A 108 8.75 -1.74 23.53
CA HIS A 108 8.44 -1.53 22.12
C HIS A 108 8.02 -2.85 21.54
N ILE A 109 7.00 -2.85 20.69
CA ILE A 109 6.54 -4.09 20.12
C ILE A 109 6.76 -4.07 18.62
N ASP A 110 7.40 -5.14 18.19
CA ASP A 110 7.65 -5.34 16.80
C ASP A 110 6.52 -6.23 16.29
N GLN A 111 5.61 -5.59 15.57
CA GLN A 111 4.44 -6.29 15.07
C GLN A 111 4.76 -7.21 13.92
N ILE A 112 5.78 -6.88 13.13
CA ILE A 112 6.12 -7.74 12.01
C ILE A 112 6.70 -9.09 12.50
N THR A 113 7.60 -9.08 13.50
CA THR A 113 8.16 -10.28 14.09
C THR A 113 7.03 -11.03 14.77
N THR A 114 6.09 -10.35 15.44
CA THR A 114 4.95 -11.04 16.03
C THR A 114 4.17 -11.75 14.96
N VAL A 115 3.87 -11.12 13.83
CA VAL A 115 3.10 -11.77 12.78
C VAL A 115 3.79 -13.01 12.23
N LEU A 116 5.11 -12.94 12.02
CA LEU A 116 5.92 -14.07 11.56
C LEU A 116 5.80 -15.25 12.50
N ASN A 117 5.89 -14.97 13.79
CA ASN A 117 5.73 -15.99 14.79
C ASN A 117 4.35 -16.57 14.81
N GLN A 118 3.29 -15.75 14.60
CA GLN A 118 1.94 -16.29 14.53
C GLN A 118 1.72 -17.12 13.28
N LEU A 119 2.21 -16.69 12.12
CA LEU A 119 2.03 -17.45 10.91
C LEU A 119 2.78 -18.78 10.97
N LYS A 120 3.92 -18.82 11.63
CA LYS A 120 4.68 -20.05 11.77
C LYS A 120 4.21 -21.00 12.84
N ASN A 121 3.51 -20.51 13.87
CA ASN A 121 3.14 -21.33 14.99
C ASN A 121 1.67 -21.46 15.24
N ASP A 122 0.88 -20.58 14.65
CA ASP A 122 -0.55 -20.62 14.86
C ASP A 122 -1.27 -20.05 13.65
N PRO A 123 -1.12 -20.63 12.46
CA PRO A 123 -1.66 -20.09 11.22
C PRO A 123 -3.18 -19.93 11.21
N ASP A 124 -3.92 -20.66 12.04
CA ASP A 124 -5.37 -20.52 12.11
C ASP A 124 -5.86 -19.34 12.95
N SER A 125 -4.94 -18.62 13.58
CA SER A 125 -5.30 -17.50 14.43
C SER A 125 -6.11 -16.47 13.65
N ARG A 126 -7.13 -15.93 14.33
CA ARG A 126 -7.96 -14.88 13.76
C ARG A 126 -7.46 -13.53 14.25
N ARG A 127 -6.26 -13.46 14.84
CA ARG A 127 -5.69 -12.25 15.45
C ARG A 127 -4.38 -11.83 14.80
N ILE A 128 -4.12 -12.15 13.54
CA ILE A 128 -2.82 -11.84 12.95
C ILE A 128 -2.95 -10.49 12.24
N ILE A 129 -2.65 -9.46 13.03
CA ILE A 129 -2.91 -8.08 12.64
C ILE A 129 -1.71 -7.20 12.85
N VAL A 130 -1.60 -6.20 11.98
CA VAL A 130 -0.65 -5.12 12.17
C VAL A 130 -1.47 -3.82 12.12
N SER A 131 -1.28 -2.92 13.06
CA SER A 131 -2.02 -1.66 13.06
C SER A 131 -1.02 -0.53 13.11
N ALA A 132 -1.18 0.45 12.23
CA ALA A 132 -0.37 1.67 12.32
C ALA A 132 -1.18 2.75 13.08
N TRP A 133 -2.44 2.52 13.47
CA TRP A 133 -3.23 3.58 14.08
C TRP A 133 -2.97 3.62 15.56
N ASN A 134 -1.91 4.31 15.91
CA ASN A 134 -1.55 4.43 17.31
C ASN A 134 -2.07 5.78 17.78
N VAL A 135 -3.20 5.67 18.48
CA VAL A 135 -3.97 6.83 18.97
C VAL A 135 -3.09 7.76 19.82
N GLY A 136 -2.24 7.23 20.69
CA GLY A 136 -1.45 8.05 21.57
C GLY A 136 -0.31 8.74 20.86
N GLU A 137 -0.04 8.51 19.58
CA GLU A 137 1.04 9.20 18.88
C GLU A 137 0.58 9.87 17.61
N LEU A 138 -0.74 9.89 17.35
CA LEU A 138 -1.27 10.53 16.16
C LEU A 138 -0.85 11.99 16.03
N ASP A 139 -0.78 12.70 17.15
CA ASP A 139 -0.43 14.09 17.10
C ASP A 139 1.03 14.38 16.78
N LYS A 140 1.88 13.36 16.78
CA LYS A 140 3.27 13.57 16.39
C LYS A 140 3.51 13.21 14.93
N MET A 141 2.54 12.59 14.26
CA MET A 141 2.69 12.17 12.88
C MET A 141 2.44 13.27 11.86
N ALA A 142 3.26 13.33 10.80
CA ALA A 142 3.11 14.32 9.75
C ALA A 142 1.77 14.15 9.05
N LEU A 143 1.33 12.90 8.85
CA LEU A 143 0.09 12.63 8.15
C LEU A 143 -0.42 11.44 8.93
N ALA A 144 -1.70 11.41 9.28
CA ALA A 144 -2.25 10.25 9.95
C ALA A 144 -2.23 9.04 8.99
N PRO A 145 -1.97 7.80 9.46
CA PRO A 145 -1.89 6.60 8.64
C PRO A 145 -3.13 6.45 7.76
N SER A 146 -2.96 6.40 6.44
CA SER A 146 -4.07 6.13 5.54
C SER A 146 -4.33 4.63 5.37
N HIS A 147 -3.32 3.81 4.99
CA HIS A 147 -3.48 2.36 5.02
C HIS A 147 -3.15 2.04 6.48
N ALA A 148 -4.20 1.83 7.27
CA ALA A 148 -4.09 1.89 8.72
C ALA A 148 -4.00 0.59 9.47
N PHE A 149 -4.51 -0.50 8.90
CA PHE A 149 -4.75 -1.69 9.67
C PHE A 149 -4.80 -2.86 8.69
N PHE A 150 -4.12 -3.99 8.89
CA PHE A 150 -4.28 -5.10 7.97
C PHE A 150 -4.19 -6.41 8.73
N GLN A 151 -4.79 -7.42 8.13
CA GLN A 151 -4.96 -8.71 8.75
C GLN A 151 -4.51 -9.83 7.83
N PHE A 152 -3.78 -10.82 8.32
CA PHE A 152 -3.42 -11.97 7.48
C PHE A 152 -4.33 -13.14 7.82
N TYR A 153 -4.49 -14.04 6.88
CA TYR A 153 -5.36 -15.19 7.04
C TYR A 153 -4.72 -16.34 6.28
N VAL A 154 -4.76 -17.53 6.84
CA VAL A 154 -4.21 -18.70 6.17
C VAL A 154 -5.31 -19.75 6.01
N ALA A 155 -5.54 -20.23 4.78
CA ALA A 155 -6.47 -21.32 4.52
C ALA A 155 -5.94 -22.09 3.33
N ASP A 156 -5.98 -23.42 3.42
CA ASP A 156 -5.56 -24.34 2.36
C ASP A 156 -4.16 -24.06 1.83
N GLY A 157 -3.27 -23.72 2.76
CA GLY A 157 -1.89 -23.45 2.40
C GLY A 157 -1.65 -22.14 1.67
N LYS A 158 -2.64 -21.26 1.67
CA LYS A 158 -2.52 -19.98 0.99
C LYS A 158 -2.63 -18.86 1.99
N LEU A 159 -1.80 -17.84 1.78
CA LEU A 159 -1.77 -16.67 2.62
C LEU A 159 -2.57 -15.53 1.97
N SER A 160 -3.56 -15.00 2.68
CA SER A 160 -4.33 -13.86 2.18
C SER A 160 -4.10 -12.67 3.13
N CYS A 161 -4.46 -11.47 2.72
CA CYS A 161 -4.28 -10.31 3.56
C CYS A 161 -5.40 -9.34 3.23
N GLN A 162 -5.97 -8.67 4.24
CA GLN A 162 -6.98 -7.66 3.98
C GLN A 162 -6.47 -6.35 4.54
N LEU A 163 -6.53 -5.27 3.79
CA LEU A 163 -6.12 -3.95 4.26
C LEU A 163 -7.36 -3.08 4.44
N TYR A 164 -7.44 -2.36 5.57
CA TYR A 164 -8.44 -1.30 5.74
C TYR A 164 -7.69 0.03 5.51
N GLN A 165 -8.09 0.75 4.46
CA GLN A 165 -7.50 2.02 4.13
C GLN A 165 -8.58 3.06 4.43
N ARG A 166 -8.39 3.89 5.46
CA ARG A 166 -9.39 4.88 5.89
C ARG A 166 -9.67 6.01 4.89
N SER A 167 -8.68 6.31 4.03
CA SER A 167 -8.75 7.40 3.11
C SER A 167 -7.91 6.99 1.90
N CYS A 168 -8.48 7.11 0.71
CA CYS A 168 -7.87 6.63 -0.50
C CYS A 168 -7.95 7.62 -1.65
N ASP A 169 -6.79 8.14 -2.09
CA ASP A 169 -6.67 8.95 -3.27
C ASP A 169 -6.65 7.91 -4.39
N VAL A 170 -7.76 7.78 -5.10
CA VAL A 170 -7.92 6.75 -6.12
C VAL A 170 -6.96 6.87 -7.28
N PHE A 171 -6.66 8.06 -7.79
CA PHE A 171 -5.80 8.15 -8.95
C PHE A 171 -4.33 8.01 -8.57
N LEU A 172 -3.85 8.70 -7.54
CA LEU A 172 -2.43 8.62 -7.23
C LEU A 172 -2.00 7.57 -6.23
N GLY A 173 -2.77 7.45 -5.15
CA GLY A 173 -2.37 6.64 -4.02
C GLY A 173 -2.68 5.19 -4.22
N LEU A 174 -3.90 4.87 -4.64
CA LEU A 174 -4.32 3.49 -4.71
C LEU A 174 -3.46 2.59 -5.63
N PRO A 175 -2.99 2.87 -6.85
CA PRO A 175 -2.09 2.01 -7.62
C PRO A 175 -0.86 1.65 -6.78
N PHE A 176 -0.25 2.61 -6.09
CA PHE A 176 0.87 2.35 -5.20
C PHE A 176 0.49 1.47 -4.01
N ASN A 177 -0.62 1.73 -3.31
CA ASN A 177 -1.01 0.97 -2.14
C ASN A 177 -1.33 -0.48 -2.45
N ILE A 178 -2.03 -0.73 -3.57
CA ILE A 178 -2.32 -2.12 -3.97
C ILE A 178 -1.02 -2.90 -4.24
N ALA A 179 -0.11 -2.36 -5.05
CA ALA A 179 1.13 -3.03 -5.42
C ALA A 179 1.99 -3.26 -4.19
N SER A 180 2.05 -2.27 -3.28
CA SER A 180 2.86 -2.36 -2.10
C SER A 180 2.40 -3.51 -1.21
N TYR A 181 1.11 -3.63 -0.92
CA TYR A 181 0.67 -4.70 -0.06
C TYR A 181 0.69 -6.07 -0.74
N ALA A 182 0.45 -6.13 -2.04
CA ALA A 182 0.55 -7.38 -2.79
C ALA A 182 2.01 -7.87 -2.67
N LEU A 183 3.00 -6.98 -2.79
CA LEU A 183 4.41 -7.30 -2.61
C LEU A 183 4.70 -7.84 -1.23
N LEU A 184 4.18 -7.23 -0.17
CA LEU A 184 4.37 -7.73 1.18
C LEU A 184 3.78 -9.11 1.38
N VAL A 185 2.64 -9.45 0.78
CA VAL A 185 2.03 -10.77 0.90
C VAL A 185 2.96 -11.80 0.25
N HIS A 186 3.51 -11.48 -0.92
CA HIS A 186 4.47 -12.37 -1.59
C HIS A 186 5.70 -12.61 -0.71
N MET A 187 6.24 -11.57 -0.06
CA MET A 187 7.39 -11.70 0.82
C MET A 187 7.07 -12.55 2.05
N MET A 188 5.92 -12.30 2.68
CA MET A 188 5.50 -13.05 3.85
C MET A 188 5.25 -14.50 3.49
N ALA A 189 4.60 -14.77 2.35
CA ALA A 189 4.31 -16.13 1.91
C ALA A 189 5.63 -16.89 1.68
N GLN A 190 6.63 -16.24 1.09
CA GLN A 190 7.90 -16.89 0.84
C GLN A 190 8.60 -17.21 2.14
N GLN A 191 8.64 -16.26 3.08
CA GLN A 191 9.25 -16.50 4.38
C GLN A 191 8.56 -17.59 5.17
N CYS A 192 7.24 -17.81 4.98
CA CYS A 192 6.50 -18.80 5.75
C CYS A 192 6.24 -20.04 4.97
N ASP A 193 6.81 -20.21 3.79
CA ASP A 193 6.51 -21.36 2.96
C ASP A 193 5.04 -21.58 2.61
N LEU A 194 4.33 -20.51 2.26
CA LEU A 194 2.94 -20.59 1.85
C LEU A 194 2.84 -20.13 0.41
N GLU A 195 1.73 -20.50 -0.22
CA GLU A 195 1.34 -20.03 -1.53
C GLU A 195 0.62 -18.68 -1.31
N VAL A 196 0.50 -17.81 -2.30
CA VAL A 196 -0.19 -16.54 -2.09
C VAL A 196 -1.66 -16.77 -2.39
N GLY A 197 -2.52 -16.14 -1.61
CA GLY A 197 -3.94 -16.27 -1.80
C GLY A 197 -4.45 -14.97 -2.41
N ASP A 198 -5.32 -14.31 -1.63
CA ASP A 198 -5.98 -13.08 -2.04
C ASP A 198 -5.49 -11.86 -1.33
N PHE A 199 -5.48 -10.73 -2.03
CA PHE A 199 -5.32 -9.46 -1.36
C PHE A 199 -6.72 -8.83 -1.42
N VAL A 200 -7.30 -8.49 -0.26
CA VAL A 200 -8.63 -7.90 -0.17
C VAL A 200 -8.41 -6.42 0.23
N TRP A 201 -8.83 -5.45 -0.57
CA TRP A 201 -8.68 -4.04 -0.24
C TRP A 201 -10.05 -3.52 0.19
N THR A 202 -10.10 -2.88 1.35
CA THR A 202 -11.33 -2.27 1.84
C THR A 202 -11.09 -0.77 2.05
N GLY A 203 -11.93 0.11 1.52
CA GLY A 203 -11.68 1.53 1.70
C GLY A 203 -12.77 2.20 2.52
N GLY A 204 -12.38 3.26 3.21
CA GLY A 204 -13.31 4.15 3.92
C GLY A 204 -13.65 5.28 2.96
N ASP A 205 -13.17 6.49 3.15
CA ASP A 205 -13.44 7.57 2.22
C ASP A 205 -12.55 7.38 0.99
N THR A 206 -13.20 6.99 -0.10
CA THR A 206 -12.53 6.66 -1.34
C THR A 206 -12.90 7.75 -2.32
N HIS A 207 -11.89 8.47 -2.80
CA HIS A 207 -12.14 9.69 -3.53
C HIS A 207 -11.26 9.96 -4.74
N LEU A 208 -11.84 10.73 -5.69
N LEU A 208 -11.77 10.90 -5.52
CA LEU A 208 -11.11 11.32 -6.80
CA LEU A 208 -11.10 11.37 -6.71
C LEU A 208 -10.97 12.82 -6.54
C LEU A 208 -10.98 12.85 -6.48
N TYR A 209 -9.77 13.40 -6.53
CA TYR A 209 -9.62 14.82 -6.33
C TYR A 209 -10.10 15.59 -7.54
N SER A 210 -10.67 16.79 -7.37
CA SER A 210 -11.29 17.54 -8.46
C SER A 210 -10.33 17.87 -9.59
N ASN A 211 -9.05 18.05 -9.30
CA ASN A 211 -8.06 18.34 -10.33
C ASN A 211 -7.39 17.07 -10.91
N HIS A 212 -8.04 15.91 -10.83
CA HIS A 212 -7.59 14.67 -11.41
C HIS A 212 -8.66 14.21 -12.39
N MET A 213 -9.62 15.04 -12.77
CA MET A 213 -10.71 14.59 -13.62
C MET A 213 -10.31 14.34 -15.06
N ASP A 214 -9.48 15.21 -15.63
CA ASP A 214 -9.00 14.99 -16.98
C ASP A 214 -8.16 13.72 -17.08
N GLN A 215 -7.30 13.48 -16.09
CA GLN A 215 -6.45 12.31 -16.04
C GLN A 215 -7.31 11.08 -15.88
N THR A 216 -8.38 11.16 -15.09
CA THR A 216 -9.26 10.03 -14.91
C THR A 216 -9.99 9.66 -16.18
N HIS A 217 -10.50 10.66 -16.90
CA HIS A 217 -11.18 10.36 -18.14
C HIS A 217 -10.21 9.77 -19.17
N LEU A 218 -8.97 10.25 -19.22
CA LEU A 218 -7.99 9.70 -20.13
C LEU A 218 -7.73 8.24 -19.78
N GLN A 219 -7.47 7.89 -18.52
CA GLN A 219 -7.15 6.53 -18.17
C GLN A 219 -8.33 5.63 -18.38
N LEU A 220 -9.55 6.13 -18.18
CA LEU A 220 -10.71 5.28 -18.39
C LEU A 220 -10.94 4.87 -19.83
N SER A 221 -10.30 5.52 -20.80
CA SER A 221 -10.46 5.13 -22.19
C SER A 221 -9.49 4.02 -22.61
N ARG A 222 -8.56 3.64 -21.74
CA ARG A 222 -7.54 2.68 -22.10
C ARG A 222 -7.98 1.27 -21.73
N GLU A 223 -7.58 0.28 -22.51
CA GLU A 223 -7.89 -1.10 -22.19
C GLU A 223 -6.82 -1.65 -21.27
N PRO A 224 -7.14 -2.34 -20.18
CA PRO A 224 -6.18 -3.04 -19.32
C PRO A 224 -5.37 -4.06 -20.11
N ARG A 225 -4.06 -4.14 -19.85
CA ARG A 225 -3.19 -5.14 -20.46
C ARG A 225 -3.04 -6.29 -19.48
N PRO A 226 -2.55 -7.50 -19.87
CA PRO A 226 -2.27 -8.62 -18.98
C PRO A 226 -1.40 -8.19 -17.82
N LEU A 227 -1.74 -8.72 -16.66
CA LEU A 227 -0.98 -8.46 -15.45
C LEU A 227 0.41 -9.08 -15.56
N PRO A 228 1.43 -8.41 -15.03
CA PRO A 228 2.79 -8.94 -14.98
C PRO A 228 2.93 -10.07 -13.95
N LYS A 229 4.09 -10.69 -13.87
CA LYS A 229 4.32 -11.74 -12.88
C LYS A 229 5.43 -11.25 -12.00
N LEU A 230 5.30 -11.39 -10.69
CA LEU A 230 6.39 -11.04 -9.78
C LEU A 230 7.28 -12.27 -9.60
N ILE A 231 8.59 -12.10 -9.63
CA ILE A 231 9.57 -13.16 -9.43
C ILE A 231 10.42 -12.66 -8.30
N ILE A 232 10.55 -13.38 -7.21
CA ILE A 232 11.51 -13.03 -6.18
C ILE A 232 12.65 -14.01 -6.48
N LYS A 233 13.79 -13.44 -6.80
CA LYS A 233 14.94 -14.22 -7.22
C LYS A 233 15.68 -14.89 -6.06
N ARG A 234 15.49 -14.47 -4.82
CA ARG A 234 16.27 -14.96 -3.70
C ARG A 234 15.35 -15.18 -2.52
N LYS A 235 15.66 -16.06 -1.57
CA LYS A 235 14.90 -16.12 -0.33
C LYS A 235 15.89 -15.63 0.70
N PRO A 236 15.77 -14.39 1.18
CA PRO A 236 16.59 -13.83 2.24
C PRO A 236 16.45 -14.60 3.55
N GLU A 237 17.38 -14.35 4.46
CA GLU A 237 17.34 -14.96 5.77
C GLU A 237 16.10 -14.55 6.53
N SER A 238 15.70 -13.29 6.37
CA SER A 238 14.51 -12.85 7.05
C SER A 238 13.76 -11.87 6.16
N ILE A 239 12.55 -11.51 6.63
CA ILE A 239 11.70 -10.51 5.99
C ILE A 239 12.40 -9.14 5.97
N PHE A 240 13.38 -8.91 6.85
CA PHE A 240 14.06 -7.64 6.90
C PHE A 240 15.28 -7.63 6.01
N ASP A 241 15.55 -8.66 5.22
CA ASP A 241 16.78 -8.66 4.45
C ASP A 241 16.58 -8.62 2.94
N TYR A 242 15.39 -8.23 2.45
CA TYR A 242 15.18 -8.13 1.02
C TYR A 242 15.89 -6.90 0.47
N ARG A 243 16.22 -6.94 -0.82
CA ARG A 243 16.95 -5.90 -1.51
C ARG A 243 16.14 -5.60 -2.76
N PHE A 244 16.27 -4.42 -3.32
CA PHE A 244 15.52 -4.00 -4.48
C PHE A 244 15.75 -4.94 -5.63
N GLU A 245 17.01 -5.30 -5.80
CA GLU A 245 17.45 -6.22 -6.84
C GLU A 245 16.82 -7.60 -6.72
N ASP A 246 16.22 -7.99 -5.58
CA ASP A 246 15.65 -9.34 -5.48
C ASP A 246 14.34 -9.49 -6.21
N PHE A 247 13.76 -8.38 -6.66
CA PHE A 247 12.45 -8.47 -7.27
C PHE A 247 12.55 -8.29 -8.75
N GLU A 248 11.82 -9.11 -9.47
CA GLU A 248 11.70 -9.02 -10.91
C GLU A 248 10.24 -8.91 -11.30
N ILE A 249 9.78 -7.90 -12.04
CA ILE A 249 8.39 -7.88 -12.46
C ILE A 249 8.48 -8.13 -13.94
N GLU A 250 8.00 -9.29 -14.31
CA GLU A 250 8.08 -9.82 -15.66
C GLU A 250 6.84 -9.58 -16.51
N GLY A 251 7.03 -9.02 -17.69
CA GLY A 251 5.96 -8.83 -18.64
C GLY A 251 5.14 -7.59 -18.33
N TYR A 252 5.72 -6.54 -17.77
CA TYR A 252 4.95 -5.34 -17.46
C TYR A 252 5.04 -4.43 -18.66
N ASP A 253 3.96 -4.20 -19.37
CA ASP A 253 4.01 -3.37 -20.53
C ASP A 253 2.84 -2.36 -20.49
N PRO A 254 2.95 -1.29 -19.71
CA PRO A 254 1.86 -0.38 -19.47
C PRO A 254 1.65 0.64 -20.58
N HIS A 255 0.44 1.21 -20.53
CA HIS A 255 0.14 2.40 -21.28
C HIS A 255 1.01 3.51 -20.69
N PRO A 256 1.18 4.65 -21.36
CA PRO A 256 2.02 5.73 -20.86
C PRO A 256 1.57 6.29 -19.52
N GLY A 257 2.52 6.83 -18.78
CA GLY A 257 2.25 7.46 -17.50
C GLY A 257 1.38 8.69 -17.71
N ILE A 258 0.63 9.08 -16.67
CA ILE A 258 -0.23 10.26 -16.70
C ILE A 258 0.16 11.11 -15.49
N LYS A 259 0.70 12.32 -15.63
CA LYS A 259 1.08 13.08 -14.46
C LYS A 259 -0.15 13.72 -13.82
N ALA A 260 -0.13 13.92 -12.51
CA ALA A 260 -1.25 14.54 -11.83
C ALA A 260 -0.68 15.22 -10.59
N PRO A 261 -1.20 16.38 -10.17
CA PRO A 261 -0.72 17.07 -8.98
C PRO A 261 -1.09 16.35 -7.68
N VAL A 262 -0.20 16.30 -6.70
CA VAL A 262 -0.46 15.74 -5.38
C VAL A 262 -1.15 16.83 -4.54
N ALA A 263 -2.18 16.49 -3.76
CA ALA A 263 -2.83 17.45 -2.90
C ALA A 263 -2.13 17.37 -1.54
N ILE A 264 -1.56 18.47 -1.03
CA ILE A 264 -0.80 18.43 0.20
C ILE A 264 -1.62 18.81 1.45
P TMP B . -6.14 12.69 4.80
O1P TMP B . -5.29 12.38 5.96
O2P TMP B . -6.85 14.03 4.94
O3P TMP B . -7.09 11.63 4.50
O5' TMP B . -5.22 12.89 3.56
C5' TMP B . -4.33 11.86 2.98
C4' TMP B . -4.60 11.88 1.48
O4' TMP B . -3.55 11.09 0.84
C3' TMP B . -5.91 11.22 1.05
O3' TMP B . -6.19 11.68 -0.26
C2' TMP B . -5.55 9.73 0.99
C1' TMP B . -4.05 9.75 0.70
N1 TMP B . -3.11 8.63 0.71
C2 TMP B . -3.30 7.51 -0.08
O2 TMP B . -4.29 7.35 -0.81
N3 TMP B . -2.32 6.55 0.07
C4 TMP B . -1.20 6.64 0.91
O4 TMP B . -0.40 5.71 1.00
C5 TMP B . -1.09 7.85 1.68
C5M TMP B . 0.03 8.03 2.62
C6 TMP B . -2.08 8.81 1.54
N1 DHF C . -1.38 12.82 -0.50
C2 DHF C . -2.36 12.67 -1.41
NA2 DHF C . -3.16 13.69 -1.73
N3 DHF C . -2.44 11.55 -2.12
C4 DHF C . -1.53 10.58 -1.97
O4 DHF C . -1.72 9.37 -2.60
C4A DHF C . -0.50 10.72 -1.05
N5 DHF C . 0.35 9.76 -0.78
C6 DHF C . 1.48 10.01 -0.06
C7 DHF C . 1.56 11.20 0.75
N8 DHF C . 0.28 11.90 0.82
C8A DHF C . -0.49 11.88 -0.28
C9 DHF C . 2.63 9.09 -0.12
N10 DHF C . 2.57 8.19 -1.29
C11 DHF C . 2.93 9.81 -5.10
C12 DHF C . 2.57 8.47 -4.93
C13 DHF C . 2.46 7.94 -3.65
C14 DHF C . 2.70 8.74 -2.53
C15 DHF C . 3.04 10.10 -2.75
C16 DHF C . 3.15 10.63 -4.01
C DHF C . 3.15 10.34 -6.41
O DHF C . 3.29 11.55 -6.62
N DHF C . 3.21 9.47 -7.41
CA DHF C . 3.39 9.96 -8.79
CB DHF C . 4.91 10.11 -9.08
CG DHF C . 5.84 8.98 -8.63
CD DHF C . 7.33 9.36 -8.61
OE1 DHF C . 7.79 10.09 -7.73
OE2 DHF C . 8.07 8.87 -9.47
CT DHF C . 2.72 9.03 -9.80
O1 DHF C . 2.51 9.49 -10.91
O2 DHF C . 2.33 7.91 -9.46
#